data_4EAX
#
_entry.id   4EAX
#
_cell.length_a   96.529
_cell.length_b   96.529
_cell.length_c   163.780
_cell.angle_alpha   90.00
_cell.angle_beta   90.00
_cell.angle_gamma   120.00
#
_symmetry.space_group_name_H-M   'H 3'
#
loop_
_entity.id
_entity.type
_entity.pdbx_description
1 polymer 'Beta-nerve growth factor'
2 non-polymer O-[(S)-hydroxy{[(2S)-2-hydroxy-3-(octadec-9-enoyloxy)propyl]oxy}phosphoryl]-L-serine
3 water water
#
_entity_poly.entity_id   1
_entity_poly.type   'polypeptide(L)'
_entity_poly.pdbx_seq_one_letter_code
;SSTHPVFHMGEFSVCDSVSVWVGDKTTATDIKGKEVTVLAEVNINNSVFRQYFFETKCRASNPVESGCRGIDSKHWNSYC
TTTHTFVKALTTDEKQAAWRFIRIDTACVCVLSRKATRRG
;
_entity_poly.pdbx_strand_id   A,B,C,D
#
# COMPACT_ATOMS: atom_id res chain seq x y z
N GLY A 10 -8.50 -31.13 1.87
CA GLY A 10 -9.78 -31.17 1.17
C GLY A 10 -10.50 -29.83 1.23
N GLU A 11 -9.71 -28.76 1.18
CA GLU A 11 -10.20 -27.38 1.28
C GLU A 11 -10.67 -26.84 -0.08
N PHE A 12 -11.43 -25.75 -0.05
CA PHE A 12 -11.97 -25.15 -1.29
C PHE A 12 -11.63 -23.67 -1.44
N SER A 13 -11.41 -23.22 -2.66
CA SER A 13 -11.13 -21.81 -2.89
C SER A 13 -12.44 -21.07 -3.14
N VAL A 14 -12.53 -19.86 -2.61
CA VAL A 14 -13.71 -19.02 -2.81
C VAL A 14 -13.62 -18.31 -4.15
N CYS A 15 -12.40 -18.23 -4.70
CA CYS A 15 -12.17 -17.60 -5.98
C CYS A 15 -11.18 -18.42 -6.82
N ASP A 16 -11.70 -19.09 -7.83
CA ASP A 16 -10.88 -19.95 -8.68
C ASP A 16 -9.87 -19.15 -9.50
N SER A 17 -8.63 -19.65 -9.56
CA SER A 17 -7.59 -19.01 -10.33
C SER A 17 -6.84 -19.96 -11.27
N VAL A 18 -6.24 -19.36 -12.29
CA VAL A 18 -5.32 -20.08 -13.16
C VAL A 18 -4.01 -19.29 -13.27
N SER A 19 -2.89 -20.00 -13.13
CA SER A 19 -1.57 -19.39 -13.12
C SER A 19 -0.77 -19.75 -14.35
N VAL A 20 -0.18 -18.76 -15.00
CA VAL A 20 0.75 -19.05 -16.07
C VAL A 20 2.08 -18.34 -15.86
N TRP A 21 3.10 -18.86 -16.54
CA TRP A 21 4.38 -18.20 -16.64
C TRP A 21 4.38 -17.47 -17.97
N VAL A 22 4.83 -16.21 -17.94
CA VAL A 22 4.82 -15.38 -19.13
C VAL A 22 6.26 -14.94 -19.38
N GLY A 23 6.83 -15.40 -20.48
CA GLY A 23 8.22 -15.10 -20.81
C GLY A 23 8.43 -14.24 -22.06
N ASP A 24 7.33 -13.85 -22.68
CA ASP A 24 7.37 -12.95 -23.81
C ASP A 24 6.53 -11.69 -23.54
N LYS A 25 6.62 -11.13 -22.34
CA LYS A 25 5.87 -9.90 -22.06
C LYS A 25 6.46 -8.74 -22.84
N THR A 26 5.61 -7.94 -23.49
CA THR A 26 6.08 -6.78 -24.25
C THR A 26 5.60 -5.44 -23.70
N THR A 27 4.42 -5.43 -23.11
CA THR A 27 3.77 -4.20 -22.72
C THR A 27 3.17 -4.30 -21.32
N ALA A 28 3.26 -3.21 -20.56
CA ALA A 28 2.75 -3.22 -19.20
C ALA A 28 2.47 -1.81 -18.71
N THR A 29 1.99 -1.74 -17.47
CA THR A 29 1.74 -0.49 -16.81
C THR A 29 2.64 -0.43 -15.60
N ASP A 30 3.43 0.62 -15.51
CA ASP A 30 4.34 0.72 -14.40
C ASP A 30 3.63 1.27 -13.16
N ILE A 31 4.37 1.47 -12.08
CA ILE A 31 3.76 1.79 -10.81
C ILE A 31 3.34 3.27 -10.77
N LYS A 32 3.77 4.03 -11.77
CA LYS A 32 3.36 5.41 -11.93
C LYS A 32 2.16 5.51 -12.87
N GLY A 33 1.63 4.38 -13.31
CA GLY A 33 0.49 4.37 -14.19
C GLY A 33 0.80 4.57 -15.66
N LYS A 34 2.08 4.65 -16.00
CA LYS A 34 2.41 4.76 -17.42
C LYS A 34 2.62 3.44 -18.15
N GLU A 35 2.37 3.49 -19.45
CA GLU A 35 2.46 2.34 -20.32
C GLU A 35 3.90 2.20 -20.77
N VAL A 36 4.49 1.06 -20.48
CA VAL A 36 5.88 0.84 -20.83
C VAL A 36 6.09 -0.45 -21.62
N THR A 37 7.25 -0.55 -22.25
CA THR A 37 7.61 -1.75 -22.96
C THR A 37 8.55 -2.57 -22.08
N VAL A 38 8.26 -3.86 -21.98
CA VAL A 38 9.08 -4.80 -21.22
C VAL A 38 10.12 -5.39 -22.16
N LEU A 39 11.39 -5.40 -21.76
CA LEU A 39 12.42 -6.03 -22.59
C LEU A 39 12.57 -7.50 -22.14
N ALA A 40 11.86 -8.39 -22.82
CA ALA A 40 11.85 -9.83 -22.46
C ALA A 40 13.21 -10.52 -22.32
N GLU A 41 14.13 -10.22 -23.26
CA GLU A 41 15.44 -10.85 -23.31
C GLU A 41 16.54 -9.84 -23.42
N VAL A 42 17.61 -10.08 -22.69
CA VAL A 42 18.84 -9.40 -22.91
C VAL A 42 19.93 -10.40 -23.32
N ASN A 43 20.59 -10.07 -24.41
CA ASN A 43 21.60 -10.91 -25.00
C ASN A 43 22.92 -10.25 -24.75
N ILE A 44 23.75 -10.90 -23.95
CA ILE A 44 25.10 -10.46 -23.76
C ILE A 44 26.08 -11.51 -24.26
N ASN A 45 26.78 -11.16 -25.34
CA ASN A 45 27.75 -12.07 -25.91
C ASN A 45 27.15 -13.48 -26.14
N ASN A 46 25.87 -13.54 -26.52
CA ASN A 46 25.15 -14.77 -26.78
C ASN A 46 24.59 -15.48 -25.57
N SER A 47 24.93 -14.96 -24.41
CA SER A 47 24.31 -15.38 -23.17
C SER A 47 23.02 -14.55 -23.00
N VAL A 48 21.90 -15.24 -22.88
CA VAL A 48 20.59 -14.60 -22.96
C VAL A 48 19.89 -14.60 -21.62
N PHE A 49 19.55 -13.41 -21.12
CA PHE A 49 18.83 -13.28 -19.88
C PHE A 49 17.38 -13.08 -20.24
N ARG A 50 16.53 -13.96 -19.74
CA ARG A 50 15.11 -13.84 -19.99
C ARG A 50 14.35 -13.43 -18.75
N GLN A 51 13.40 -12.53 -18.92
CA GLN A 51 12.51 -12.18 -17.82
C GLN A 51 11.24 -13.01 -17.90
N TYR A 52 10.87 -13.62 -16.79
CA TYR A 52 9.62 -14.37 -16.66
C TYR A 52 8.74 -13.86 -15.57
N PHE A 53 7.44 -13.86 -15.83
CA PHE A 53 6.51 -13.43 -14.81
C PHE A 53 5.49 -14.51 -14.50
N PHE A 54 5.31 -14.76 -13.21
CA PHE A 54 4.28 -15.66 -12.72
C PHE A 54 2.99 -14.88 -12.52
N GLU A 55 2.05 -15.08 -13.42
CA GLU A 55 0.79 -14.38 -13.38
C GLU A 55 -0.37 -15.30 -13.01
N THR A 56 -1.16 -14.84 -12.04
CA THR A 56 -2.33 -15.57 -11.60
C THR A 56 -3.55 -14.73 -11.92
N LYS A 57 -4.50 -15.33 -12.62
CA LYS A 57 -5.71 -14.61 -12.98
C LYS A 57 -6.94 -15.42 -12.63
N CYS A 58 -8.10 -14.79 -12.81
CA CYS A 58 -9.33 -15.45 -12.49
C CYS A 58 -9.80 -16.37 -13.61
N ARG A 59 -10.27 -17.56 -13.23
CA ARG A 59 -10.94 -18.44 -14.16
C ARG A 59 -12.14 -17.69 -14.74
N ALA A 60 -13.10 -17.41 -13.88
CA ALA A 60 -14.28 -16.66 -14.26
C ALA A 60 -14.75 -15.83 -13.09
N SER A 61 -15.51 -14.78 -13.40
CA SER A 61 -16.05 -13.89 -12.37
C SER A 61 -17.10 -14.64 -11.55
N ASN A 62 -17.65 -15.67 -12.16
CA ASN A 62 -18.64 -16.52 -11.51
C ASN A 62 -18.34 -18.00 -11.65
N PRO A 63 -17.62 -18.56 -10.66
CA PRO A 63 -17.47 -20.02 -10.55
C PRO A 63 -18.84 -20.62 -10.27
N VAL A 64 -19.33 -20.39 -9.06
CA VAL A 64 -20.74 -20.59 -8.74
C VAL A 64 -21.54 -19.49 -9.43
N GLU A 65 -22.80 -19.77 -9.72
CA GLU A 65 -23.63 -18.83 -10.50
C GLU A 65 -23.96 -17.54 -9.72
N SER A 66 -23.99 -17.62 -8.41
CA SER A 66 -24.25 -16.46 -7.57
C SER A 66 -22.97 -15.70 -7.22
N GLY A 67 -21.93 -15.88 -8.05
CA GLY A 67 -20.66 -15.20 -7.85
C GLY A 67 -19.59 -16.08 -7.24
N CYS A 68 -19.15 -15.73 -6.03
CA CYS A 68 -18.12 -16.51 -5.33
C CYS A 68 -18.71 -17.75 -4.66
N ARG A 69 -17.87 -18.77 -4.46
CA ARG A 69 -18.28 -20.01 -3.82
C ARG A 69 -18.22 -19.89 -2.30
N GLY A 70 -19.27 -20.34 -1.61
CA GLY A 70 -19.29 -20.37 -0.16
C GLY A 70 -19.91 -19.13 0.47
N ILE A 71 -20.46 -18.27 -0.38
CA ILE A 71 -21.02 -16.99 0.04
C ILE A 71 -22.47 -17.11 0.44
N ASP A 72 -22.83 -16.54 1.58
CA ASP A 72 -24.23 -16.36 1.95
C ASP A 72 -24.95 -15.61 0.83
N SER A 73 -25.49 -16.35 -0.13
CA SER A 73 -26.11 -15.79 -1.32
C SER A 73 -27.26 -14.85 -0.94
N LYS A 74 -27.84 -15.12 0.23
CA LYS A 74 -29.02 -14.38 0.69
C LYS A 74 -28.70 -12.94 1.06
N HIS A 75 -27.64 -12.73 1.83
CA HIS A 75 -27.32 -11.41 2.38
C HIS A 75 -26.33 -10.63 1.53
N TRP A 76 -25.57 -11.37 0.74
CA TRP A 76 -24.42 -10.79 0.04
C TRP A 76 -24.41 -11.12 -1.43
N ASN A 77 -24.18 -10.10 -2.24
CA ASN A 77 -23.83 -10.29 -3.63
C ASN A 77 -22.30 -10.33 -3.76
N SER A 78 -21.77 -11.19 -4.63
CA SER A 78 -20.32 -11.33 -4.76
C SER A 78 -19.86 -11.84 -6.12
N TYR A 79 -18.70 -11.37 -6.55
CA TYR A 79 -18.14 -11.77 -7.84
C TYR A 79 -16.62 -11.68 -7.82
N CYS A 80 -15.96 -12.82 -7.89
CA CYS A 80 -14.49 -12.88 -7.90
C CYS A 80 -13.92 -11.89 -8.90
N THR A 81 -12.67 -11.47 -8.67
CA THR A 81 -12.02 -10.52 -9.55
C THR A 81 -10.50 -10.62 -9.43
N THR A 82 -9.80 -10.28 -10.52
CA THR A 82 -8.34 -10.33 -10.54
C THR A 82 -7.69 -9.12 -9.86
N THR A 83 -6.75 -9.37 -8.96
CA THR A 83 -5.96 -8.30 -8.39
C THR A 83 -4.53 -8.45 -8.85
N HIS A 84 -3.75 -7.39 -8.64
CA HIS A 84 -2.45 -7.24 -9.21
C HIS A 84 -1.44 -7.06 -8.10
N THR A 85 -0.18 -7.13 -8.44
CA THR A 85 0.88 -6.76 -7.54
C THR A 85 1.91 -6.09 -8.40
N PHE A 86 3.02 -5.69 -7.79
CA PHE A 86 4.06 -4.99 -8.52
C PHE A 86 5.38 -5.70 -8.48
N VAL A 87 6.08 -5.68 -9.61
CA VAL A 87 7.26 -6.48 -9.81
C VAL A 87 8.26 -5.71 -10.64
N LYS A 88 9.51 -5.73 -10.23
CA LYS A 88 10.55 -5.06 -11.00
C LYS A 88 10.73 -5.75 -12.35
N ALA A 89 10.79 -4.97 -13.43
CA ALA A 89 11.15 -5.54 -14.70
C ALA A 89 12.01 -4.54 -15.45
N LEU A 90 12.88 -5.05 -16.31
CA LEU A 90 13.60 -4.18 -17.20
C LEU A 90 12.62 -3.72 -18.27
N THR A 91 12.55 -2.40 -18.48
CA THR A 91 11.59 -1.80 -19.40
C THR A 91 12.16 -0.58 -20.13
N THR A 92 11.43 -0.06 -21.11
CA THR A 92 11.73 1.28 -21.64
C THR A 92 10.42 2.07 -21.77
N ASP A 93 10.48 3.38 -21.56
CA ASP A 93 9.33 4.24 -21.85
C ASP A 93 9.60 5.05 -23.10
N GLU A 94 10.43 4.49 -23.97
CA GLU A 94 10.83 5.16 -25.21
C GLU A 94 11.62 6.44 -24.94
N LYS A 95 11.86 6.71 -23.67
CA LYS A 95 12.69 7.84 -23.28
C LYS A 95 13.92 7.34 -22.52
N GLN A 96 13.91 6.06 -22.16
CA GLN A 96 14.93 5.55 -21.25
C GLN A 96 14.69 4.06 -21.04
N ALA A 97 15.74 3.30 -20.76
CA ALA A 97 15.56 1.89 -20.45
C ALA A 97 15.87 1.86 -18.96
N ALA A 98 15.10 1.09 -18.21
CA ALA A 98 15.25 1.09 -16.75
C ALA A 98 14.50 -0.06 -16.14
N TRP A 99 14.93 -0.49 -14.96
CA TRP A 99 14.13 -1.38 -14.13
C TRP A 99 13.01 -0.55 -13.49
N ARG A 100 11.78 -0.92 -13.80
CA ARG A 100 10.63 -0.27 -13.21
C ARG A 100 9.73 -1.31 -12.62
N PHE A 101 9.04 -0.94 -11.55
CA PHE A 101 8.02 -1.79 -10.97
C PHE A 101 6.81 -1.76 -11.88
N ILE A 102 6.38 -2.95 -12.31
CA ILE A 102 5.22 -3.06 -13.18
C ILE A 102 4.13 -3.90 -12.54
N ARG A 103 2.93 -3.73 -13.08
CA ARG A 103 1.73 -4.32 -12.54
C ARG A 103 1.61 -5.75 -13.07
N ILE A 104 1.33 -6.70 -12.19
CA ILE A 104 1.23 -8.11 -12.56
C ILE A 104 -0.04 -8.73 -11.94
N ASP A 105 -0.85 -9.39 -12.77
CA ASP A 105 -1.97 -10.17 -12.22
C ASP A 105 -1.39 -11.14 -11.22
N THR A 106 -1.95 -11.18 -10.02
CA THR A 106 -1.32 -11.99 -8.99
C THR A 106 -2.24 -12.89 -8.18
N ALA A 107 -3.52 -12.59 -8.18
CA ALA A 107 -4.48 -13.41 -7.46
C ALA A 107 -5.90 -13.19 -7.95
N CYS A 108 -6.79 -14.09 -7.52
CA CYS A 108 -8.21 -13.97 -7.82
C CYS A 108 -8.96 -13.90 -6.51
N VAL A 109 -9.60 -12.76 -6.23
CA VAL A 109 -10.19 -12.55 -4.91
C VAL A 109 -11.67 -12.24 -4.96
N CYS A 110 -12.36 -12.57 -3.88
CA CYS A 110 -13.81 -12.41 -3.82
C CYS A 110 -14.19 -11.02 -3.36
N VAL A 111 -14.95 -10.34 -4.22
CA VAL A 111 -15.46 -9.01 -3.93
C VAL A 111 -16.84 -9.04 -3.28
N LEU A 112 -16.95 -8.30 -2.19
CA LEU A 112 -18.15 -8.29 -1.36
C LEU A 112 -19.11 -7.14 -1.74
N SER A 113 -20.40 -7.45 -1.73
CA SER A 113 -21.42 -6.45 -2.06
C SER A 113 -22.72 -6.77 -1.31
N ARG A 114 -23.08 -5.93 -0.34
CA ARG A 114 -24.27 -6.19 0.45
C ARG A 114 -25.53 -5.98 -0.37
N LYS A 115 -26.23 -7.07 -0.66
CA LYS A 115 -27.44 -7.01 -1.48
C LYS A 115 -28.63 -6.51 -0.66
N ALA A 116 -29.73 -6.20 -1.35
CA ALA A 116 -30.89 -5.57 -0.71
C ALA A 116 -31.88 -6.56 -0.14
N THR A 117 -31.95 -6.61 1.20
CA THR A 117 -32.79 -7.57 1.92
C THR A 117 -34.22 -7.04 2.17
N GLY B 10 -20.11 0.30 -3.73
CA GLY B 10 -19.95 -0.07 -2.33
C GLY B 10 -19.49 -1.50 -2.15
N GLU B 11 -18.45 -1.87 -2.89
CA GLU B 11 -17.89 -3.21 -2.82
C GLU B 11 -17.15 -3.39 -1.49
N PHE B 12 -16.47 -4.52 -1.35
CA PHE B 12 -15.70 -4.78 -0.13
C PHE B 12 -15.03 -6.17 -0.30
N SER B 13 -14.07 -6.51 0.54
CA SER B 13 -13.36 -7.77 0.35
C SER B 13 -13.66 -8.83 1.40
N VAL B 14 -13.63 -10.10 0.98
CA VAL B 14 -13.85 -11.18 1.91
C VAL B 14 -12.74 -11.25 2.95
N CYS B 15 -11.56 -10.78 2.57
CA CYS B 15 -10.41 -10.79 3.48
C CYS B 15 -9.67 -9.46 3.34
N ASP B 16 -9.09 -8.98 4.43
CA ASP B 16 -8.43 -7.68 4.44
C ASP B 16 -6.91 -7.76 4.23
N SER B 17 -6.42 -6.96 3.28
CA SER B 17 -5.02 -6.88 2.92
C SER B 17 -4.30 -5.79 3.71
N VAL B 18 -3.02 -6.03 3.99
CA VAL B 18 -2.10 -4.94 4.28
C VAL B 18 -0.87 -5.04 3.34
N SER B 19 -0.43 -3.89 2.86
CA SER B 19 0.70 -3.85 1.95
C SER B 19 1.88 -3.13 2.55
N VAL B 20 3.08 -3.58 2.17
CA VAL B 20 4.31 -3.05 2.72
C VAL B 20 5.42 -3.17 1.70
N TRP B 21 6.27 -2.16 1.66
CA TRP B 21 7.50 -2.26 0.88
C TRP B 21 8.56 -2.83 1.79
N VAL B 22 9.11 -3.97 1.41
CA VAL B 22 10.11 -4.60 2.24
C VAL B 22 11.49 -4.39 1.65
N GLY B 23 12.30 -3.60 2.36
CA GLY B 23 13.60 -3.21 1.87
C GLY B 23 14.72 -3.93 2.59
N ASP B 24 14.35 -4.84 3.48
CA ASP B 24 15.33 -5.50 4.34
C ASP B 24 15.03 -6.97 4.53
N LYS B 25 14.49 -7.62 3.50
CA LYS B 25 14.25 -9.06 3.58
C LYS B 25 15.58 -9.78 3.78
N THR B 26 15.59 -10.81 4.62
CA THR B 26 16.82 -11.59 4.76
C THR B 26 16.68 -13.08 4.48
N THR B 27 15.48 -13.61 4.63
CA THR B 27 15.26 -15.04 4.42
C THR B 27 14.06 -15.23 3.54
N ALA B 28 14.05 -16.33 2.81
CA ALA B 28 12.97 -16.62 1.89
C ALA B 28 13.06 -18.05 1.39
N THR B 29 12.01 -18.49 0.73
CA THR B 29 11.97 -19.80 0.15
C THR B 29 11.96 -19.67 -1.35
N ASP B 30 12.87 -20.39 -2.01
CA ASP B 30 12.99 -20.27 -3.45
C ASP B 30 12.01 -21.20 -4.14
N ILE B 31 11.91 -21.10 -5.46
CA ILE B 31 10.93 -21.88 -6.18
C ILE B 31 11.19 -23.41 -6.11
N LYS B 32 12.40 -23.83 -5.74
CA LYS B 32 12.65 -25.25 -5.46
C LYS B 32 12.34 -25.65 -4.02
N GLY B 33 11.79 -24.73 -3.23
CA GLY B 33 11.44 -25.02 -1.86
C GLY B 33 12.59 -24.91 -0.87
N LYS B 34 13.72 -24.36 -1.31
CA LYS B 34 14.88 -24.25 -0.43
C LYS B 34 14.77 -22.94 0.33
N GLU B 35 15.20 -22.96 1.59
CA GLU B 35 15.40 -21.73 2.31
C GLU B 35 16.71 -21.06 1.87
N VAL B 36 16.62 -19.78 1.50
CA VAL B 36 17.78 -19.04 1.05
C VAL B 36 17.87 -17.66 1.71
N THR B 37 19.05 -17.07 1.67
CA THR B 37 19.26 -15.75 2.22
C THR B 37 19.20 -14.66 1.15
N VAL B 38 18.48 -13.59 1.43
CA VAL B 38 18.35 -12.52 0.46
C VAL B 38 19.41 -11.47 0.71
N LEU B 39 20.11 -11.07 -0.33
CA LEU B 39 21.11 -10.01 -0.18
C LEU B 39 20.43 -8.66 -0.43
N ALA B 40 19.81 -8.12 0.61
CA ALA B 40 18.97 -6.94 0.45
C ALA B 40 19.79 -5.75 -0.07
N GLU B 41 21.04 -5.65 0.38
CA GLU B 41 21.92 -4.57 -0.05
C GLU B 41 23.13 -5.12 -0.80
N VAL B 42 23.56 -4.39 -1.83
CA VAL B 42 24.70 -4.79 -2.63
C VAL B 42 25.65 -3.61 -2.86
N ASN B 43 26.61 -3.45 -1.96
CA ASN B 43 27.59 -2.38 -2.06
C ASN B 43 28.58 -2.60 -3.21
N ILE B 44 28.23 -2.09 -4.38
CA ILE B 44 29.08 -2.26 -5.56
C ILE B 44 29.82 -0.96 -5.88
N ASN B 45 30.76 -0.58 -5.02
CA ASN B 45 31.54 0.63 -5.20
C ASN B 45 30.83 1.86 -4.64
N ASN B 46 31.14 3.02 -5.22
CA ASN B 46 30.53 4.27 -4.78
C ASN B 46 29.02 4.27 -4.96
N SER B 47 28.45 3.10 -5.20
CA SER B 47 27.01 2.95 -5.39
C SER B 47 26.46 1.81 -4.56
N VAL B 48 25.21 1.96 -4.11
CA VAL B 48 24.55 0.94 -3.31
C VAL B 48 23.22 0.52 -3.92
N PHE B 49 23.06 -0.78 -4.17
CA PHE B 49 21.83 -1.30 -4.76
C PHE B 49 20.99 -2.02 -3.71
N ARG B 50 19.73 -1.63 -3.60
CA ARG B 50 18.82 -2.25 -2.64
C ARG B 50 17.74 -3.05 -3.36
N GLN B 51 17.39 -4.18 -2.77
CA GLN B 51 16.28 -4.99 -3.24
C GLN B 51 15.02 -4.75 -2.41
N TYR B 52 14.00 -4.21 -3.06
CA TYR B 52 12.69 -3.98 -2.45
C TYR B 52 11.64 -4.92 -3.01
N PHE B 53 10.76 -5.40 -2.14
CA PHE B 53 9.66 -6.23 -2.57
C PHE B 53 8.35 -5.65 -2.08
N PHE B 54 7.38 -5.59 -2.98
CA PHE B 54 6.02 -5.18 -2.65
C PHE B 54 5.22 -6.37 -2.16
N GLU B 55 5.06 -6.47 -0.84
CA GLU B 55 4.35 -7.62 -0.28
C GLU B 55 2.97 -7.24 0.29
N THR B 56 1.96 -8.04 -0.05
CA THR B 56 0.62 -7.86 0.46
C THR B 56 0.25 -9.07 1.32
N LYS B 57 -0.18 -8.84 2.54
CA LYS B 57 -0.51 -9.95 3.44
C LYS B 57 -1.85 -9.74 4.13
N CYS B 58 -2.30 -10.74 4.87
CA CYS B 58 -3.55 -10.66 5.62
C CYS B 58 -3.43 -9.72 6.80
N ARG B 59 -4.47 -8.93 7.01
CA ARG B 59 -4.62 -8.12 8.22
C ARG B 59 -4.96 -9.06 9.37
N ALA B 60 -5.67 -10.15 9.05
CA ALA B 60 -6.07 -11.16 10.04
C ALA B 60 -6.59 -12.37 9.32
N SER B 61 -6.43 -13.54 9.95
CA SER B 61 -6.89 -14.80 9.36
C SER B 61 -8.39 -15.00 9.60
N ASN B 62 -8.96 -14.16 10.46
CA ASN B 62 -10.40 -14.13 10.65
C ASN B 62 -10.86 -12.69 10.72
N PRO B 63 -11.39 -12.16 9.61
CA PRO B 63 -11.96 -10.80 9.60
C PRO B 63 -13.11 -10.75 10.60
N VAL B 64 -14.06 -11.65 10.42
CA VAL B 64 -15.11 -11.90 11.40
C VAL B 64 -14.74 -13.15 12.18
N GLU B 65 -15.25 -13.24 13.41
CA GLU B 65 -15.00 -14.39 14.25
C GLU B 65 -15.27 -15.68 13.47
N SER B 66 -16.22 -15.60 12.54
CA SER B 66 -16.67 -16.76 11.79
C SER B 66 -15.59 -17.29 10.84
N GLY B 67 -14.64 -16.44 10.49
CA GLY B 67 -13.68 -16.76 9.45
C GLY B 67 -13.59 -15.63 8.46
N CYS B 68 -13.92 -15.91 7.20
CA CYS B 68 -13.87 -14.88 6.17
C CYS B 68 -15.20 -14.17 6.15
N ARG B 69 -15.19 -12.90 5.79
CA ARG B 69 -16.40 -12.09 5.76
C ARG B 69 -17.32 -12.60 4.66
N GLY B 70 -18.63 -12.53 4.91
CA GLY B 70 -19.63 -12.85 3.90
C GLY B 70 -19.81 -14.33 3.60
N ILE B 71 -19.24 -15.18 4.45
CA ILE B 71 -19.30 -16.63 4.21
C ILE B 71 -20.52 -17.26 4.84
N ASP B 72 -21.06 -18.28 4.18
CA ASP B 72 -22.12 -19.10 4.74
C ASP B 72 -21.60 -20.01 5.85
N SER B 73 -21.46 -19.45 7.06
CA SER B 73 -20.89 -20.17 8.18
C SER B 73 -21.72 -21.38 8.59
N LYS B 74 -22.83 -21.59 7.89
CA LYS B 74 -23.67 -22.75 8.14
C LYS B 74 -22.98 -24.00 7.61
N HIS B 75 -22.62 -23.96 6.33
CA HIS B 75 -22.04 -25.12 5.67
C HIS B 75 -20.52 -25.00 5.45
N TRP B 76 -19.95 -23.86 5.83
CA TRP B 76 -18.57 -23.58 5.44
C TRP B 76 -17.68 -23.07 6.55
N ASN B 77 -16.64 -23.82 6.85
CA ASN B 77 -15.53 -23.26 7.61
C ASN B 77 -14.66 -22.45 6.65
N SER B 78 -13.98 -21.45 7.19
CA SER B 78 -13.23 -20.51 6.38
C SER B 78 -12.13 -19.85 7.21
N TYR B 79 -11.01 -19.54 6.53
CA TYR B 79 -10.01 -18.63 7.08
C TYR B 79 -9.34 -17.83 5.95
N CYS B 80 -8.71 -16.73 6.33
CA CYS B 80 -7.99 -15.86 5.42
C CYS B 80 -6.50 -16.23 5.45
N THR B 81 -5.92 -16.41 4.28
CA THR B 81 -4.54 -16.84 4.19
C THR B 81 -3.86 -16.13 3.03
N THR B 82 -2.53 -16.05 3.08
CA THR B 82 -1.75 -15.42 2.02
C THR B 82 -1.49 -16.32 0.82
N THR B 83 -1.47 -15.74 -0.37
CA THR B 83 -0.94 -16.42 -1.54
C THR B 83 0.26 -15.61 -2.05
N HIS B 84 0.95 -16.16 -3.04
CA HIS B 84 2.27 -15.67 -3.39
C HIS B 84 2.46 -15.56 -4.88
N THR B 85 3.46 -14.79 -5.26
CA THR B 85 4.00 -14.88 -6.60
C THR B 85 5.47 -15.32 -6.46
N PHE B 86 6.21 -15.34 -7.55
CA PHE B 86 7.64 -15.61 -7.51
C PHE B 86 8.32 -14.49 -8.22
N VAL B 87 9.37 -13.97 -7.59
CA VAL B 87 10.13 -12.86 -8.11
C VAL B 87 11.59 -13.24 -8.03
N LYS B 88 12.35 -12.83 -9.05
CA LYS B 88 13.76 -13.16 -9.12
C LYS B 88 14.41 -12.33 -8.05
N ALA B 89 15.34 -12.89 -7.27
CA ALA B 89 16.03 -12.08 -6.27
C ALA B 89 17.46 -12.54 -6.05
N LEU B 90 18.36 -11.58 -5.90
CA LEU B 90 19.71 -11.94 -5.61
C LEU B 90 19.69 -12.62 -4.25
N THR B 91 20.17 -13.87 -4.24
CA THR B 91 20.23 -14.68 -3.04
C THR B 91 21.56 -15.44 -2.87
N THR B 92 21.71 -16.06 -1.71
CA THR B 92 22.79 -17.02 -1.47
C THR B 92 22.21 -18.23 -0.73
N ASP B 93 22.85 -19.37 -0.91
CA ASP B 93 22.58 -20.51 -0.04
C ASP B 93 23.90 -20.93 0.63
N GLU B 94 24.02 -22.18 1.03
CA GLU B 94 25.30 -22.59 1.58
C GLU B 94 26.37 -22.43 0.49
N LYS B 95 26.01 -22.81 -0.74
CA LYS B 95 26.93 -22.83 -1.86
C LYS B 95 27.20 -21.47 -2.51
N GLN B 96 26.24 -20.96 -3.27
CA GLN B 96 26.53 -19.83 -4.15
C GLN B 96 25.51 -18.68 -4.12
N ALA B 97 26.00 -17.49 -4.44
CA ALA B 97 25.16 -16.34 -4.73
C ALA B 97 24.62 -16.47 -6.14
N ALA B 98 23.33 -16.15 -6.31
CA ALA B 98 22.65 -16.28 -7.59
C ALA B 98 21.28 -15.57 -7.55
N TRP B 99 20.77 -15.22 -8.72
CA TRP B 99 19.39 -14.80 -8.86
C TRP B 99 18.47 -16.00 -8.90
N ARG B 100 17.59 -16.09 -7.91
CA ARG B 100 16.67 -17.21 -7.75
C ARG B 100 15.26 -16.70 -7.58
N PHE B 101 14.31 -17.37 -8.20
CA PHE B 101 12.92 -17.10 -7.93
C PHE B 101 12.60 -17.42 -6.49
N ILE B 102 12.04 -16.44 -5.80
CA ILE B 102 11.54 -16.60 -4.44
C ILE B 102 10.07 -16.21 -4.33
N ARG B 103 9.38 -16.87 -3.43
CA ARG B 103 7.98 -16.59 -3.21
C ARG B 103 7.83 -15.39 -2.29
N ILE B 104 6.90 -14.51 -2.65
CA ILE B 104 6.54 -13.36 -1.82
C ILE B 104 5.01 -13.19 -1.78
N ASP B 105 4.49 -12.87 -0.60
CA ASP B 105 3.06 -12.65 -0.36
C ASP B 105 2.56 -11.59 -1.32
N THR B 106 1.49 -11.87 -2.05
CA THR B 106 0.92 -10.84 -2.91
C THR B 106 -0.58 -10.60 -2.71
N ALA B 107 -1.22 -11.41 -1.89
CA ALA B 107 -2.66 -11.27 -1.72
C ALA B 107 -3.14 -12.06 -0.53
N CYS B 108 -4.31 -11.66 -0.03
CA CYS B 108 -4.97 -12.35 1.04
C CYS B 108 -6.24 -12.97 0.47
N VAL B 109 -6.45 -14.26 0.71
CA VAL B 109 -7.55 -14.97 0.08
C VAL B 109 -8.29 -15.81 1.10
N CYS B 110 -9.48 -16.27 0.71
CA CYS B 110 -10.34 -17.02 1.61
C CYS B 110 -10.28 -18.50 1.30
N VAL B 111 -10.10 -19.30 2.35
CA VAL B 111 -10.07 -20.76 2.26
C VAL B 111 -11.32 -21.38 2.87
N LEU B 112 -12.04 -22.17 2.07
CA LEU B 112 -13.26 -22.81 2.54
C LEU B 112 -12.99 -24.24 3.00
N SER B 113 -14.04 -24.91 3.48
CA SER B 113 -13.92 -26.29 3.96
C SER B 113 -15.27 -26.83 4.41
N ARG B 114 -15.69 -27.92 3.79
CA ARG B 114 -16.96 -28.55 4.13
C ARG B 114 -17.17 -28.60 5.64
N LYS B 115 -18.31 -28.08 6.09
CA LYS B 115 -18.62 -28.06 7.52
C LYS B 115 -19.06 -29.44 8.00
N ALA B 116 -18.89 -29.69 9.30
CA ALA B 116 -19.26 -30.98 9.89
C ALA B 116 -20.78 -31.09 10.02
N THR B 117 -21.44 -31.27 8.88
CA THR B 117 -22.90 -31.40 8.86
C THR B 117 -23.37 -32.13 7.60
N GLY C 10 9.21 17.61 25.29
CA GLY C 10 10.33 18.40 24.80
C GLY C 10 11.09 17.71 23.69
N GLU C 11 10.34 17.10 22.77
CA GLU C 11 10.88 16.28 21.70
C GLU C 11 11.29 17.08 20.46
N PHE C 12 12.19 16.50 19.65
CA PHE C 12 12.60 17.12 18.39
C PHE C 12 12.17 16.24 17.23
N SER C 13 12.00 16.84 16.06
CA SER C 13 11.70 16.04 14.87
C SER C 13 12.97 15.79 14.07
N VAL C 14 13.03 14.64 13.43
CA VAL C 14 14.14 14.34 12.56
C VAL C 14 14.15 15.28 11.33
N CYS C 15 12.97 15.62 10.83
CA CYS C 15 12.84 16.53 9.70
C CYS C 15 11.80 17.62 10.00
N ASP C 16 11.99 18.80 9.43
CA ASP C 16 11.10 19.92 9.69
C ASP C 16 10.02 20.03 8.64
N SER C 17 8.78 19.90 9.07
CA SER C 17 7.68 20.03 8.13
C SER C 17 6.90 21.31 8.30
N VAL C 18 6.24 21.71 7.23
CA VAL C 18 5.33 22.85 7.28
C VAL C 18 3.98 22.45 6.68
N SER C 19 2.91 22.83 7.35
CA SER C 19 1.55 22.46 6.93
C SER C 19 0.73 23.63 6.45
N VAL C 20 -0.01 23.41 5.37
CA VAL C 20 -0.89 24.40 4.79
C VAL C 20 -2.25 23.78 4.45
N TRP C 21 -3.29 24.61 4.52
CA TRP C 21 -4.59 24.26 3.99
C TRP C 21 -4.68 24.84 2.59
N VAL C 22 -5.14 24.02 1.66
CA VAL C 22 -5.25 24.42 0.26
C VAL C 22 -6.72 24.30 -0.12
N GLY C 23 -7.33 25.42 -0.49
CA GLY C 23 -8.76 25.46 -0.79
C GLY C 23 -9.08 25.86 -2.22
N ASP C 24 -8.03 26.06 -3.01
CA ASP C 24 -8.16 26.40 -4.42
C ASP C 24 -7.28 25.47 -5.25
N LYS C 25 -7.29 24.18 -4.93
CA LYS C 25 -6.51 23.24 -5.71
C LYS C 25 -7.13 23.15 -7.10
N THR C 26 -6.29 23.16 -8.13
CA THR C 26 -6.78 23.06 -9.50
C THR C 26 -6.31 21.78 -10.17
N THR C 27 -5.04 21.47 -10.06
CA THR C 27 -4.43 20.34 -10.76
C THR C 27 -3.90 19.28 -9.82
N ALA C 28 -4.00 18.02 -10.22
CA ALA C 28 -3.42 16.97 -9.41
C ALA C 28 -3.26 15.68 -10.17
N THR C 29 -2.66 14.72 -9.48
CA THR C 29 -2.43 13.42 -10.02
C THR C 29 -3.28 12.44 -9.26
N ASP C 30 -4.13 11.71 -10.00
CA ASP C 30 -4.97 10.76 -9.35
C ASP C 30 -4.20 9.47 -9.08
N ILE C 31 -4.90 8.50 -8.53
CA ILE C 31 -4.26 7.31 -8.01
C ILE C 31 -3.85 6.36 -9.14
N LYS C 32 -4.37 6.61 -10.34
CA LYS C 32 -3.94 5.90 -11.54
C LYS C 32 -2.79 6.67 -12.21
N GLY C 33 -2.28 7.69 -11.55
CA GLY C 33 -1.18 8.44 -12.10
C GLY C 33 -1.56 9.40 -13.20
N LYS C 34 -2.85 9.56 -13.45
CA LYS C 34 -3.25 10.57 -14.42
C LYS C 34 -3.40 11.99 -13.85
N GLU C 35 -3.21 12.95 -14.74
CA GLU C 35 -3.29 14.34 -14.38
C GLU C 35 -4.74 14.77 -14.50
N VAL C 36 -5.31 15.20 -13.38
CA VAL C 36 -6.71 15.60 -13.37
C VAL C 36 -6.93 16.99 -12.79
N THR C 37 -8.09 17.55 -13.10
CA THR C 37 -8.46 18.84 -12.57
C THR C 37 -9.39 18.66 -11.38
N VAL C 38 -9.05 19.32 -10.28
CA VAL C 38 -9.85 19.31 -9.06
C VAL C 38 -10.87 20.43 -9.13
N LEU C 39 -12.12 20.15 -8.80
CA LEU C 39 -13.13 21.21 -8.80
C LEU C 39 -13.25 21.77 -7.39
N ALA C 40 -12.54 22.87 -7.13
CA ALA C 40 -12.49 23.48 -5.79
C ALA C 40 -13.84 23.72 -5.11
N GLU C 41 -14.80 24.30 -5.84
CA GLU C 41 -16.11 24.65 -5.29
C GLU C 41 -17.23 24.08 -6.14
N VAL C 42 -18.28 23.62 -5.48
CA VAL C 42 -19.51 23.51 -6.18
C VAL C 42 -20.63 24.34 -5.56
N ASN C 43 -21.35 24.96 -6.48
CA ASN C 43 -22.36 25.90 -6.14
C ASN C 43 -23.70 25.29 -6.46
N ILE C 44 -24.47 25.07 -5.41
CA ILE C 44 -25.81 24.58 -5.55
C ILE C 44 -26.78 25.60 -4.96
N ASN C 45 -27.54 26.23 -5.85
CA ASN C 45 -28.51 27.22 -5.44
C ASN C 45 -27.87 28.27 -4.51
N ASN C 46 -26.63 28.64 -4.80
CA ASN C 46 -25.85 29.58 -3.99
C ASN C 46 -25.32 29.12 -2.64
N SER C 47 -25.57 27.86 -2.34
CA SER C 47 -24.90 27.18 -1.24
C SER C 47 -23.59 26.63 -1.83
N VAL C 48 -22.46 27.01 -1.25
CA VAL C 48 -21.18 26.70 -1.87
C VAL C 48 -20.40 25.65 -1.08
N PHE C 49 -20.12 24.52 -1.75
CA PHE C 49 -19.34 23.43 -1.16
C PHE C 49 -17.91 23.58 -1.61
N ARG C 50 -17.01 23.74 -0.65
CA ARG C 50 -15.61 23.95 -0.99
C ARG C 50 -14.77 22.76 -0.58
N GLN C 51 -13.82 22.39 -1.43
CA GLN C 51 -12.89 21.33 -1.11
C GLN C 51 -11.60 21.91 -0.58
N TYR C 52 -11.25 21.51 0.62
CA TYR C 52 -9.98 21.87 1.25
C TYR C 52 -9.11 20.65 1.51
N PHE C 53 -7.82 20.80 1.29
CA PHE C 53 -6.91 19.74 1.64
C PHE C 53 -5.83 20.25 2.59
N PHE C 54 -5.51 19.41 3.56
CA PHE C 54 -4.43 19.65 4.51
C PHE C 54 -3.15 19.01 4.00
N GLU C 55 -2.17 19.84 3.64
CA GLU C 55 -0.94 19.33 3.08
C GLU C 55 0.26 19.67 3.93
N THR C 56 1.19 18.72 4.01
CA THR C 56 2.42 18.89 4.76
C THR C 56 3.62 18.61 3.88
N LYS C 57 4.58 19.54 3.83
CA LYS C 57 5.83 19.30 3.11
C LYS C 57 7.06 19.60 3.95
N CYS C 58 8.22 19.17 3.46
CA CYS C 58 9.48 19.43 4.14
C CYS C 58 9.80 20.91 4.04
N ARG C 59 10.27 21.48 5.15
CA ARG C 59 10.75 22.85 5.13
C ARG C 59 11.99 22.89 4.24
N ALA C 60 12.91 21.97 4.49
CA ALA C 60 14.09 21.79 3.64
C ALA C 60 14.53 20.32 3.68
N SER C 61 15.34 19.92 2.69
CA SER C 61 15.84 18.54 2.61
C SER C 61 17.02 18.31 3.56
N ASN C 62 17.77 19.38 3.80
CA ASN C 62 18.76 19.43 4.87
C ASN C 62 18.33 20.42 5.94
N PRO C 63 17.70 19.92 7.02
CA PRO C 63 17.44 20.78 8.18
C PRO C 63 18.78 21.23 8.78
N VAL C 64 19.54 20.26 9.32
CA VAL C 64 20.95 20.46 9.60
C VAL C 64 21.70 20.27 8.28
N GLU C 65 23.01 20.44 8.30
CA GLU C 65 23.81 20.31 7.08
C GLU C 65 24.14 18.84 6.74
N SER C 66 24.17 18.00 7.77
CA SER C 66 24.43 16.58 7.59
C SER C 66 23.17 15.85 7.13
N GLY C 67 22.25 16.60 6.51
CA GLY C 67 20.98 16.06 6.08
C GLY C 67 19.92 16.16 7.17
N CYS C 68 19.39 15.02 7.59
CA CYS C 68 18.38 14.97 8.64
C CYS C 68 18.98 15.27 10.01
N ARG C 69 18.14 15.80 10.90
CA ARG C 69 18.50 16.02 12.30
C ARG C 69 18.56 14.70 13.06
N GLY C 70 19.49 14.62 14.02
CA GLY C 70 19.59 13.45 14.89
C GLY C 70 20.26 12.20 14.34
N ILE C 71 20.88 12.31 13.17
CA ILE C 71 21.41 11.12 12.50
C ILE C 71 22.90 10.84 12.77
N ASP C 72 23.19 9.58 13.09
CA ASP C 72 24.57 9.10 13.15
C ASP C 72 25.21 9.28 11.77
N SER C 73 25.64 10.50 11.47
CA SER C 73 26.14 10.84 10.14
C SER C 73 27.49 10.17 9.86
N LYS C 74 28.11 9.65 10.91
CA LYS C 74 29.28 8.80 10.77
C LYS C 74 29.06 7.78 9.66
N HIS C 75 28.08 6.90 9.87
CA HIS C 75 27.84 5.80 8.95
C HIS C 75 26.82 6.11 7.85
N TRP C 76 25.93 7.05 8.13
CA TRP C 76 24.75 7.26 7.30
C TRP C 76 24.67 8.64 6.66
N ASN C 77 24.25 8.68 5.40
CA ASN C 77 23.83 9.93 4.77
C ASN C 77 22.29 10.03 4.77
N SER C 78 21.77 11.25 4.76
CA SER C 78 20.32 11.44 4.86
C SER C 78 19.82 12.81 4.38
N TYR C 79 18.59 12.83 3.89
CA TYR C 79 17.91 14.07 3.58
C TYR C 79 16.42 13.91 3.89
N CYS C 80 15.73 15.04 3.87
CA CYS C 80 14.33 15.07 4.27
C CYS C 80 13.50 15.23 3.02
N THR C 81 12.54 14.37 2.84
CA THR C 81 11.77 14.41 1.62
C THR C 81 10.28 14.31 1.89
N THR C 82 9.51 14.96 1.02
CA THR C 82 8.07 14.95 1.12
C THR C 82 7.50 13.62 0.65
N THR C 83 6.63 13.04 1.47
CA THR C 83 5.82 11.91 1.02
C THR C 83 4.38 12.37 0.88
N HIS C 84 3.54 11.50 0.34
CA HIS C 84 2.20 11.84 -0.07
C HIS C 84 1.24 10.79 0.47
N THR C 85 -0.04 11.11 0.47
CA THR C 85 -1.06 10.12 0.74
C THR C 85 -2.11 10.35 -0.33
N PHE C 86 -3.18 9.57 -0.28
CA PHE C 86 -4.24 9.69 -1.27
C PHE C 86 -5.53 10.10 -0.60
N VAL C 87 -6.26 11.01 -1.24
CA VAL C 87 -7.44 11.59 -0.66
C VAL C 87 -8.49 11.73 -1.72
N LYS C 88 -9.72 11.42 -1.38
CA LYS C 88 -10.80 11.53 -2.34
C LYS C 88 -11.06 13.02 -2.69
N ALA C 89 -11.31 13.31 -3.95
CA ALA C 89 -11.58 14.66 -4.34
C ALA C 89 -12.47 14.62 -5.58
N LEU C 90 -13.38 15.58 -5.66
CA LEU C 90 -14.16 15.76 -6.86
C LEU C 90 -13.25 16.39 -7.92
N THR C 91 -13.19 15.75 -9.08
CA THR C 91 -12.23 16.10 -10.12
C THR C 91 -12.85 15.92 -11.48
N THR C 92 -12.12 16.34 -12.51
CA THR C 92 -12.47 15.96 -13.86
C THR C 92 -11.22 15.56 -14.63
N ASP C 93 -11.32 14.56 -15.48
CA ASP C 93 -10.22 14.21 -16.37
C ASP C 93 -10.53 14.68 -17.79
N GLU C 94 -11.45 15.62 -17.88
CA GLU C 94 -11.85 16.18 -19.16
C GLU C 94 -12.62 15.14 -20.00
N LYS C 95 -12.81 13.95 -19.44
CA LYS C 95 -13.76 12.97 -19.97
C LYS C 95 -14.98 12.84 -19.07
N GLN C 96 -14.80 13.13 -17.80
CA GLN C 96 -15.80 12.75 -16.83
C GLN C 96 -15.54 13.39 -15.47
N ALA C 97 -16.57 14.00 -14.90
CA ALA C 97 -16.45 14.50 -13.55
C ALA C 97 -16.67 13.32 -12.61
N ALA C 98 -15.85 13.23 -11.55
CA ALA C 98 -15.97 12.11 -10.61
C ALA C 98 -15.13 12.35 -9.35
N TRP C 99 -15.52 11.70 -8.25
CA TRP C 99 -14.64 11.60 -7.10
C TRP C 99 -13.46 10.64 -7.43
N ARG C 100 -12.24 11.12 -7.34
CA ARG C 100 -11.09 10.27 -7.59
C ARG C 100 -10.12 10.44 -6.43
N PHE C 101 -9.40 9.38 -6.06
CA PHE C 101 -8.36 9.53 -5.06
C PHE C 101 -7.21 10.26 -5.71
N ILE C 102 -6.72 11.30 -5.04
CA ILE C 102 -5.60 12.09 -5.56
C ILE C 102 -4.44 12.15 -4.60
N ARG C 103 -3.27 12.44 -5.14
CA ARG C 103 -2.05 12.49 -4.35
C ARG C 103 -2.03 13.80 -3.58
N ILE C 104 -1.65 13.72 -2.32
CA ILE C 104 -1.53 14.88 -1.45
C ILE C 104 -0.27 14.79 -0.59
N ASP C 105 0.58 15.81 -0.63
CA ASP C 105 1.72 15.90 0.31
C ASP C 105 1.18 15.70 1.71
N THR C 106 1.78 14.79 2.45
CA THR C 106 1.23 14.49 3.76
C THR C 106 2.24 14.45 4.91
N ALA C 107 3.52 14.43 4.57
CA ALA C 107 4.56 14.36 5.59
C ALA C 107 5.94 14.61 5.02
N CYS C 108 6.86 14.89 5.93
CA CYS C 108 8.26 15.07 5.59
C CYS C 108 9.02 13.99 6.36
N VAL C 109 9.67 13.08 5.63
CA VAL C 109 10.35 11.96 6.28
C VAL C 109 11.83 11.84 5.92
N CYS C 110 12.58 11.24 6.82
CA CYS C 110 14.02 11.06 6.63
C CYS C 110 14.36 9.83 5.79
N VAL C 111 15.03 10.08 4.67
CA VAL C 111 15.51 9.02 3.78
C VAL C 111 16.94 8.62 4.13
N LEU C 112 17.14 7.32 4.30
CA LEU C 112 18.42 6.77 4.75
C LEU C 112 19.22 6.07 3.64
N SER C 113 20.33 6.69 3.23
CA SER C 113 21.28 6.02 2.32
C SER C 113 22.63 5.77 3.02
N ARG C 114 22.99 4.50 3.13
CA ARG C 114 24.20 4.11 3.85
C ARG C 114 25.46 4.61 3.18
N LYS C 115 26.32 5.26 3.98
CA LYS C 115 27.62 5.70 3.52
C LYS C 115 28.67 4.71 4.04
N ALA C 116 29.37 4.06 3.14
CA ALA C 116 30.40 3.09 3.50
C ALA C 116 31.55 3.77 4.24
N THR C 117 31.74 3.39 5.51
CA THR C 117 32.80 3.96 6.32
C THR C 117 34.16 3.39 5.94
N GLY D 10 10.32 2.17 -4.10
CA GLY D 10 10.90 1.87 -2.80
C GLY D 10 11.33 3.12 -2.05
N GLU D 11 11.56 2.97 -0.75
CA GLU D 11 11.96 4.10 0.07
C GLU D 11 12.64 3.65 1.37
N PHE D 12 13.97 3.69 1.38
CA PHE D 12 14.72 3.33 2.58
C PHE D 12 14.52 4.41 3.65
N SER D 13 13.76 4.06 4.68
CA SER D 13 13.42 4.99 5.70
C SER D 13 13.95 4.66 7.05
N VAL D 14 13.91 5.68 7.86
CA VAL D 14 14.28 5.68 9.26
C VAL D 14 13.25 4.94 10.09
N CYS D 15 12.01 4.97 9.62
CA CYS D 15 10.93 4.20 10.25
C CYS D 15 10.20 3.48 9.12
N ASP D 16 9.61 2.33 9.41
CA ASP D 16 8.93 1.57 8.37
C ASP D 16 7.44 1.73 8.50
N SER D 17 6.77 1.82 7.36
CA SER D 17 5.33 1.99 7.35
C SER D 17 4.59 0.85 6.64
N VAL D 18 3.33 0.66 7.03
CA VAL D 18 2.42 -0.24 6.34
C VAL D 18 1.16 0.53 5.90
N SER D 19 0.74 0.28 4.67
CA SER D 19 -0.45 0.93 4.14
C SER D 19 -1.61 -0.02 4.11
N VAL D 20 -2.81 0.54 4.27
CA VAL D 20 -4.01 -0.26 4.28
C VAL D 20 -5.20 0.55 3.82
N TRP D 21 -6.04 -0.06 2.99
CA TRP D 21 -7.33 0.53 2.67
C TRP D 21 -8.31 0.13 3.76
N VAL D 22 -8.86 1.14 4.42
CA VAL D 22 -9.81 0.88 5.49
C VAL D 22 -11.21 1.23 5.02
N GLY D 23 -12.02 0.19 4.78
CA GLY D 23 -13.37 0.34 4.30
C GLY D 23 -14.41 0.16 5.40
N ASP D 24 -13.95 -0.09 6.61
CA ASP D 24 -14.85 -0.46 7.69
C ASP D 24 -14.68 0.44 8.92
N LYS D 25 -14.16 1.64 8.72
CA LYS D 25 -13.91 2.55 9.84
C LYS D 25 -15.19 2.86 10.60
N THR D 26 -15.12 2.88 11.93
CA THR D 26 -16.31 3.17 12.73
C THR D 26 -16.18 4.31 13.70
N THR D 27 -14.95 4.77 13.92
CA THR D 27 -14.68 5.69 15.00
C THR D 27 -13.45 6.50 14.67
N ALA D 28 -13.50 7.77 15.03
CA ALA D 28 -12.42 8.67 14.72
C ALA D 28 -12.48 9.91 15.59
N THR D 29 -11.45 10.73 15.47
CA THR D 29 -11.42 11.99 16.14
C THR D 29 -11.48 13.07 15.08
N ASP D 30 -12.42 13.99 15.24
CA ASP D 30 -12.59 15.02 14.25
C ASP D 30 -11.64 16.18 14.49
N ILE D 31 -11.63 17.14 13.58
CA ILE D 31 -10.67 18.23 13.66
C ILE D 31 -10.86 19.10 14.91
N LYS D 32 -12.05 19.05 15.51
CA LYS D 32 -12.33 19.76 16.74
C LYS D 32 -11.91 18.92 17.95
N GLY D 33 -11.33 17.76 17.67
CA GLY D 33 -10.88 16.86 18.71
C GLY D 33 -11.99 16.03 19.33
N LYS D 34 -13.17 16.04 18.71
CA LYS D 34 -14.29 15.26 19.23
C LYS D 34 -14.23 13.85 18.69
N GLU D 35 -14.64 12.90 19.51
CA GLU D 35 -14.85 11.54 19.05
C GLU D 35 -16.17 11.39 18.30
N VAL D 36 -16.08 10.94 17.07
CA VAL D 36 -17.26 10.77 16.25
C VAL D 36 -17.31 9.36 15.64
N THR D 37 -18.49 8.96 15.23
CA THR D 37 -18.69 7.69 14.57
C THR D 37 -18.68 7.91 13.06
N VAL D 38 -17.97 7.05 12.35
CA VAL D 38 -17.89 7.17 10.91
C VAL D 38 -18.97 6.30 10.30
N LEU D 39 -19.68 6.81 9.32
CA LEU D 39 -20.70 6.00 8.65
C LEU D 39 -20.09 5.39 7.38
N ALA D 40 -19.47 4.23 7.54
CA ALA D 40 -18.68 3.63 6.49
C ALA D 40 -19.55 3.27 5.29
N GLU D 41 -20.82 2.96 5.56
CA GLU D 41 -21.73 2.49 4.54
C GLU D 41 -23.06 3.23 4.53
N VAL D 42 -23.46 3.73 3.36
CA VAL D 42 -24.76 4.35 3.22
C VAL D 42 -25.53 3.69 2.08
N ASN D 43 -26.78 3.34 2.35
CA ASN D 43 -27.61 2.67 1.34
C ASN D 43 -28.76 3.53 0.87
N ILE D 44 -28.66 4.03 -0.36
CA ILE D 44 -29.72 4.86 -0.92
C ILE D 44 -30.38 4.16 -2.11
N ASN D 45 -31.67 3.90 -1.95
CA ASN D 45 -32.42 3.10 -2.91
C ASN D 45 -31.54 1.88 -3.12
N ASN D 46 -31.30 1.52 -4.39
CA ASN D 46 -30.51 0.33 -4.70
C ASN D 46 -28.99 0.48 -4.54
N SER D 47 -28.53 1.72 -4.45
CA SER D 47 -27.09 2.02 -4.34
C SER D 47 -26.50 1.89 -2.94
N VAL D 48 -25.29 1.35 -2.86
CA VAL D 48 -24.51 1.35 -1.62
C VAL D 48 -23.25 2.19 -1.77
N PHE D 49 -23.09 3.15 -0.87
CA PHE D 49 -21.91 4.02 -0.83
C PHE D 49 -20.99 3.58 0.28
N ARG D 50 -19.71 3.46 -0.02
CA ARG D 50 -18.74 3.10 1.00
C ARG D 50 -17.70 4.20 1.11
N GLN D 51 -17.32 4.53 2.34
CA GLN D 51 -16.18 5.39 2.54
C GLN D 51 -14.93 4.57 2.80
N TYR D 52 -13.92 4.79 1.96
CA TYR D 52 -12.59 4.17 2.09
C TYR D 52 -11.54 5.22 2.45
N PHE D 53 -10.66 4.89 3.38
CA PHE D 53 -9.55 5.78 3.68
C PHE D 53 -8.22 5.08 3.49
N PHE D 54 -7.32 5.73 2.77
CA PHE D 54 -5.97 5.22 2.62
C PHE D 54 -5.14 5.58 3.84
N GLU D 55 -4.90 4.60 4.70
CA GLU D 55 -4.14 4.87 5.91
C GLU D 55 -2.74 4.25 5.85
N THR D 56 -1.77 4.97 6.41
CA THR D 56 -0.40 4.49 6.51
C THR D 56 0.04 4.64 7.94
N LYS D 57 0.49 3.53 8.54
CA LYS D 57 0.94 3.55 9.93
C LYS D 57 2.30 2.87 10.13
N CYS D 58 2.81 2.97 11.35
CA CYS D 58 4.08 2.37 11.72
C CYS D 58 4.00 0.86 11.82
N ARG D 59 5.03 0.19 11.33
CA ARG D 59 5.19 -1.23 11.53
C ARG D 59 5.60 -1.45 12.98
N ALA D 60 6.62 -0.70 13.41
CA ALA D 60 7.10 -0.78 14.78
C ALA D 60 7.52 0.59 15.28
N SER D 61 7.35 0.82 16.58
CA SER D 61 7.82 2.04 17.20
C SER D 61 9.34 2.02 17.30
N ASN D 62 9.89 0.81 17.27
CA ASN D 62 11.33 0.62 17.26
C ASN D 62 11.73 -0.30 16.12
N PRO D 63 12.15 0.27 14.98
CA PRO D 63 12.69 -0.55 13.88
C PRO D 63 14.03 -1.16 14.30
N VAL D 64 14.79 -0.40 15.10
CA VAL D 64 15.94 -0.94 15.79
C VAL D 64 15.73 -0.72 17.29
N GLU D 65 16.48 -1.46 18.08
CA GLU D 65 16.32 -1.41 19.53
C GLU D 65 16.50 0.02 20.02
N SER D 66 17.58 0.66 19.56
CA SER D 66 17.85 2.04 19.97
C SER D 66 16.70 3.00 19.63
N GLY D 67 15.79 2.56 18.76
CA GLY D 67 14.68 3.40 18.35
C GLY D 67 14.48 3.41 16.85
N CYS D 68 14.65 4.58 16.23
CA CYS D 68 14.50 4.69 14.78
C CYS D 68 15.80 4.30 14.12
N ARG D 69 15.75 3.39 13.16
CA ARG D 69 16.95 2.99 12.44
C ARG D 69 17.72 4.20 11.97
N GLY D 70 19.04 4.18 12.15
CA GLY D 70 19.93 5.21 11.63
C GLY D 70 20.23 6.38 12.55
N ILE D 71 19.75 6.31 13.79
CA ILE D 71 19.88 7.42 14.72
C ILE D 71 21.14 7.34 15.56
N ASP D 72 21.66 8.50 15.94
CA ASP D 72 22.76 8.59 16.90
C ASP D 72 22.29 8.29 18.31
N SER D 73 22.16 7.01 18.63
CA SER D 73 21.61 6.57 19.91
C SER D 73 22.52 6.90 21.09
N LYS D 74 23.36 7.91 20.90
CA LYS D 74 24.24 8.38 21.95
C LYS D 74 23.61 9.59 22.63
N HIS D 75 23.31 10.59 21.82
CA HIS D 75 22.76 11.84 22.31
C HIS D 75 21.26 11.88 22.11
N TRP D 76 20.74 10.88 21.41
CA TRP D 76 19.35 10.91 20.97
C TRP D 76 18.58 9.67 21.32
N ASN D 77 17.54 9.84 22.12
CA ASN D 77 16.53 8.81 22.25
C ASN D 77 15.51 9.05 21.13
N SER D 78 14.86 7.99 20.68
CA SER D 78 13.96 8.09 19.55
C SER D 78 12.89 7.01 19.54
N TYR D 79 11.77 7.32 18.88
CA TYR D 79 10.77 6.31 18.52
C TYR D 79 10.03 6.67 17.21
N CYS D 80 9.38 5.65 16.64
CA CYS D 80 8.55 5.82 15.46
C CYS D 80 7.09 5.95 15.88
N THR D 81 6.43 6.96 15.35
CA THR D 81 5.04 7.18 15.67
C THR D 81 4.32 7.59 14.41
N THR D 82 3.00 7.43 14.40
CA THR D 82 2.16 7.87 13.29
C THR D 82 1.89 9.36 13.24
N THR D 83 1.83 9.89 12.03
CA THR D 83 1.42 11.27 11.79
C THR D 83 0.17 11.27 10.90
N HIS D 84 -0.55 12.40 10.83
CA HIS D 84 -1.91 12.40 10.31
C HIS D 84 -2.22 13.46 9.29
N THR D 85 -3.28 13.22 8.52
CA THR D 85 -3.88 14.27 7.71
C THR D 85 -5.33 14.44 8.22
N PHE D 86 -6.11 15.28 7.55
CA PHE D 86 -7.52 15.48 7.86
C PHE D 86 -8.28 15.34 6.59
N VAL D 87 -9.33 14.55 6.65
CA VAL D 87 -10.11 14.19 5.48
C VAL D 87 -11.58 14.35 5.83
N LYS D 88 -12.37 14.87 4.91
CA LYS D 88 -13.78 15.06 5.20
C LYS D 88 -14.41 13.67 5.21
N ALA D 89 -15.23 13.35 6.21
CA ALA D 89 -15.91 12.06 6.24
C ALA D 89 -17.33 12.20 6.74
N LEU D 90 -18.22 11.39 6.19
CA LEU D 90 -19.56 11.36 6.71
C LEU D 90 -19.55 10.72 8.09
N THR D 91 -20.01 11.48 9.09
CA THR D 91 -20.00 11.05 10.48
C THR D 91 -21.26 11.41 11.27
N THR D 92 -21.32 10.92 12.50
CA THR D 92 -22.33 11.33 13.45
C THR D 92 -21.65 11.48 14.80
N ASP D 93 -22.11 12.44 15.59
CA ASP D 93 -21.80 12.45 17.00
C ASP D 93 -23.06 12.05 17.76
N GLU D 94 -23.17 12.49 19.00
CA GLU D 94 -24.37 12.18 19.77
C GLU D 94 -25.56 12.42 18.85
N LYS D 95 -25.55 13.60 18.24
CA LYS D 95 -26.76 14.30 17.84
C LYS D 95 -26.93 14.57 16.34
N GLN D 96 -25.88 14.47 15.54
CA GLN D 96 -25.95 14.99 14.18
C GLN D 96 -25.06 14.27 13.16
N ALA D 97 -25.64 13.83 12.05
CA ALA D 97 -24.86 13.37 10.93
C ALA D 97 -24.36 14.58 10.16
N ALA D 98 -23.09 14.53 9.76
CA ALA D 98 -22.47 15.60 9.00
C ALA D 98 -21.12 15.15 8.41
N TRP D 99 -20.67 15.87 7.39
CA TRP D 99 -19.31 15.74 6.88
C TRP D 99 -18.34 16.54 7.73
N ARG D 100 -17.44 15.82 8.37
CA ARG D 100 -16.50 16.42 9.30
C ARG D 100 -15.09 16.00 8.93
N PHE D 101 -14.16 16.92 9.12
CA PHE D 101 -12.77 16.57 8.99
C PHE D 101 -12.37 15.66 10.11
N ILE D 102 -11.84 14.49 9.75
CA ILE D 102 -11.30 13.56 10.72
C ILE D 102 -9.84 13.27 10.46
N ARG D 103 -9.15 12.93 11.54
CA ARG D 103 -7.76 12.50 11.54
C ARG D 103 -7.65 11.12 10.93
N ILE D 104 -6.79 10.95 9.94
CA ILE D 104 -6.41 9.60 9.52
C ILE D 104 -4.87 9.45 9.43
N ASP D 105 -4.37 8.30 9.90
CA ASP D 105 -2.94 7.98 9.89
C ASP D 105 -2.43 8.10 8.49
N THR D 106 -1.37 8.85 8.32
CA THR D 106 -0.89 9.10 6.97
C THR D 106 0.62 8.77 6.75
N ALA D 107 1.39 8.72 7.83
CA ALA D 107 2.81 8.42 7.71
C ALA D 107 3.40 7.95 9.01
N CYS D 108 4.61 7.39 8.95
CA CYS D 108 5.38 6.94 10.12
C CYS D 108 6.69 7.73 10.19
N VAL D 109 6.88 8.45 11.29
CA VAL D 109 7.98 9.39 11.40
C VAL D 109 8.73 9.20 12.72
N CYS D 110 9.94 9.74 12.77
CA CYS D 110 10.82 9.50 13.90
C CYS D 110 10.81 10.69 14.84
N VAL D 111 10.71 10.39 16.13
CA VAL D 111 10.69 11.42 17.18
C VAL D 111 11.97 11.39 18.00
N LEU D 112 12.62 12.55 18.15
CA LEU D 112 13.87 12.67 18.90
C LEU D 112 13.74 13.27 20.30
N SER D 113 14.19 12.51 21.30
CA SER D 113 14.36 13.03 22.65
C SER D 113 15.84 13.27 22.93
N ARG D 114 16.17 14.47 23.37
CA ARG D 114 17.55 14.81 23.72
C ARG D 114 18.03 13.94 24.89
N LYS D 115 19.13 13.23 24.70
CA LYS D 115 19.62 12.29 25.70
C LYS D 115 20.20 12.98 26.93
N ALA D 116 19.61 12.70 28.09
CA ALA D 116 20.07 13.30 29.34
C ALA D 116 21.39 12.68 29.79
N THR D 117 22.49 13.15 29.21
CA THR D 117 23.82 12.65 29.55
C THR D 117 24.75 12.74 28.36
C S12 E . 18.16 0.92 -5.64
N S12 E . 18.69 -1.33 -6.33
P S12 E . 18.10 -0.93 -10.26
OG S12 E . 18.29 -0.79 -8.67
C2 S12 E . 19.06 -3.07 -11.63
O2 S12 E . 19.16 -2.12 -10.55
C3 S12 E . 19.30 -4.49 -11.10
O3 S12 E . 18.53 0.36 -10.90
C4 S12 E . 19.79 -5.47 -12.19
O4 S12 E . 16.70 -1.46 -10.44
C5 S12 E . 20.67 -7.88 -12.37
C6 S12 E . 20.06 -9.25 -12.65
C7 S12 E . 21.14 -9.96 -13.46
C8 S12 E . 21.27 -11.24 -13.83
C9 S12 E . 20.41 -12.47 -13.62
CA S12 E . 19.00 0.07 -6.55
CB S12 E . 18.73 0.41 -8.01
C10 S12 E . 21.40 -13.63 -13.73
C11 S12 E . 21.10 -14.94 -13.83
O11 S12 E . 18.04 -4.97 -10.56
C12 S12 E . 19.65 -15.30 -13.94
C13 S12 E . 19.31 -16.39 -13.42
C14 S12 E . 18.89 -17.47 -12.90
O51 S12 E . 21.83 -7.71 -12.73
O52 S12 E . 19.96 -6.80 -11.65
O S12 E . 18.72 1.70 -4.81
OXT S12 E . 16.91 0.83 -5.74
C S12 F . -18.43 3.62 -3.45
N S12 F . -18.72 5.54 -2.05
P S12 F . -18.25 8.10 -5.06
OG S12 F . -18.20 6.65 -4.35
C2 S12 F . -19.43 10.37 -4.17
O2 S12 F . -19.23 8.96 -4.10
C3 S12 F . -20.01 10.85 -2.84
O3 S12 F . -18.87 7.93 -6.42
C4 S12 F . -20.32 12.37 -2.86
O4 S12 F . -16.86 8.69 -4.92
C5 S12 F . -21.56 14.06 -1.41
C6 S12 F . -21.78 14.74 -0.07
C7 S12 F . -21.17 16.12 0.16
C8 S12 F . -21.39 16.69 1.36
C9 S12 F . -20.85 18.06 1.78
CA S12 F . -19.28 4.82 -3.18
CB S12 F . -19.31 5.75 -4.38
C10 S12 F . -21.40 18.59 3.11
C11 S12 F . -20.79 19.64 3.67
O11 S12 F . -19.08 10.50 -1.80
C12 S12 F . -19.65 20.11 2.89
C13 S12 F . -18.91 21.07 3.18
C14 S12 F . -18.13 22.04 3.46
O51 S12 F . -22.16 14.49 -2.40
O52 S12 F . -20.72 12.87 -1.56
O S12 F . -18.98 2.48 -3.44
OXT S12 F . -17.19 3.76 -3.67
#